data_7BPZ
#
_entry.id   7BPZ
#
_cell.length_a   60.126
_cell.length_b   101.623
_cell.length_c   61.098
_cell.angle_alpha   90.000
_cell.angle_beta   100.930
_cell.angle_gamma   90.000
#
_symmetry.space_group_name_H-M   'P 1 21 1'
#
loop_
_entity.id
_entity.type
_entity.pdbx_description
1 polymer 'Peroxisome proliferator-activated receptor alpha'
2 polymer '15-meric peptide from Nuclear receptor coactivator 1'
3 non-polymer '2-[P-[2-P-CHLOROBENZAMIDO)ETHYL]PHENOXY]-2-METHYLPROPIONIC ACID'
4 water water
#
loop_
_entity_poly.entity_id
_entity_poly.type
_entity_poly.pdbx_seq_one_letter_code
_entity_poly.pdbx_strand_id
1 'polypeptide(L)'
;GSHMTADLKSLAKRIYEAYLKNFNMNKVKARVILSGKASNNPPFVIHDMETLCMAEKTLVAKLVANGIQNKEAEVRIFHC
CQCTSVETVTELTEFAKAIPGFANLDLNDQVTLLKYGVYEAIFAMLSSVMNKDGMLVAYGNGFITREFLKSLRKPFCDIM
EPKFDFAMKFNALELDDSDISLFVAAIICCGDRPGLLNVGHIEKMQEGIVHVLRLHLQSNHPDDIFLFPKLLQKMADLRQ
LVTEHAQLVQIIKKTESDAALHPLLQEIYRDMY
;
A,C
2 'polypeptide(L)' LTERHKILHRLLQEG B,D
#
# COMPACT_ATOMS: atom_id res chain seq x y z
N HIS A 3 -30.67 2.17 19.86
CA HIS A 3 -29.51 1.31 19.62
C HIS A 3 -28.76 1.69 18.35
N MET A 4 -29.20 1.17 17.21
CA MET A 4 -28.61 1.51 15.92
C MET A 4 -29.71 1.76 14.90
N THR A 5 -29.43 2.69 13.98
CA THR A 5 -30.43 3.18 13.03
C THR A 5 -30.85 2.13 12.01
N ALA A 6 -31.50 2.57 10.94
CA ALA A 6 -31.97 1.66 9.90
C ALA A 6 -30.87 1.31 8.91
N ASP A 7 -30.29 2.33 8.25
CA ASP A 7 -29.26 2.08 7.25
C ASP A 7 -28.07 1.30 7.81
N LEU A 8 -27.89 1.30 9.12
CA LEU A 8 -26.91 0.40 9.73
C LEU A 8 -27.48 -1.02 9.88
N LYS A 9 -28.75 -1.14 10.29
CA LYS A 9 -29.41 -2.44 10.30
C LYS A 9 -29.46 -3.05 8.91
N SER A 10 -29.73 -2.23 7.89
CA SER A 10 -29.74 -2.72 6.52
C SER A 10 -28.35 -3.22 6.11
N LEU A 11 -27.31 -2.51 6.52
CA LEU A 11 -25.95 -2.95 6.21
C LEU A 11 -25.65 -4.29 6.86
N ALA A 12 -26.10 -4.49 8.10
CA ALA A 12 -25.82 -5.73 8.79
C ALA A 12 -26.46 -6.92 8.08
N LYS A 13 -27.76 -6.84 7.78
CA LYS A 13 -28.44 -7.99 7.22
C LYS A 13 -28.02 -8.26 5.78
N ARG A 14 -27.71 -7.22 5.01
CA ARG A 14 -27.08 -7.45 3.71
C ARG A 14 -25.84 -8.33 3.86
N ILE A 15 -25.03 -8.07 4.89
CA ILE A 15 -23.79 -8.79 5.03
C ILE A 15 -24.04 -10.22 5.53
N TYR A 16 -24.94 -10.36 6.50
CA TYR A 16 -25.27 -11.69 7.01
C TYR A 16 -25.89 -12.55 5.90
N GLU A 17 -26.88 -12.01 5.20
CA GLU A 17 -27.52 -12.77 4.13
C GLU A 17 -26.53 -13.12 3.04
N ALA A 18 -25.64 -12.21 2.67
CA ALA A 18 -24.63 -12.55 1.67
C ALA A 18 -23.75 -13.67 2.18
N TYR A 19 -23.50 -13.70 3.49
CA TYR A 19 -22.67 -14.73 4.09
C TYR A 19 -23.37 -16.08 4.04
N LEU A 20 -24.64 -16.12 4.49
CA LEU A 20 -25.42 -17.35 4.42
C LEU A 20 -25.52 -17.89 3.00
N LYS A 21 -25.61 -16.99 2.02
CA LYS A 21 -25.79 -17.44 0.65
C LYS A 21 -24.51 -18.00 0.04
N ASN A 22 -23.33 -17.48 0.42
CA ASN A 22 -22.10 -17.77 -0.30
C ASN A 22 -21.20 -18.85 0.35
N PHE A 23 -21.41 -19.22 1.60
CA PHE A 23 -20.58 -20.23 2.25
C PHE A 23 -21.45 -21.43 2.60
N ASN A 24 -21.27 -22.54 1.88
CA ASN A 24 -22.07 -23.72 2.15
C ASN A 24 -21.94 -24.16 3.60
N MET A 25 -20.70 -24.22 4.10
CA MET A 25 -20.46 -24.61 5.48
C MET A 25 -20.40 -23.36 6.35
N ASN A 26 -21.14 -23.37 7.45
CA ASN A 26 -21.14 -22.26 8.38
C ASN A 26 -21.19 -22.83 9.79
N LYS A 27 -21.09 -21.93 10.78
CA LYS A 27 -20.83 -22.38 12.14
C LYS A 27 -22.01 -23.16 12.71
N VAL A 28 -23.23 -22.67 12.49
CA VAL A 28 -24.40 -23.39 12.99
C VAL A 28 -24.43 -24.81 12.42
N LYS A 29 -24.22 -24.95 11.11
CA LYS A 29 -24.19 -26.28 10.49
C LYS A 29 -22.99 -27.10 10.98
N ALA A 30 -21.85 -26.45 11.17
CA ALA A 30 -20.66 -27.18 11.60
C ALA A 30 -20.80 -27.66 13.04
N ARG A 31 -21.32 -26.79 13.91
CA ARG A 31 -21.47 -27.17 15.31
C ARG A 31 -22.45 -28.32 15.48
N VAL A 32 -23.48 -28.38 14.65
CA VAL A 32 -24.44 -29.49 14.76
C VAL A 32 -23.76 -30.80 14.39
N ILE A 33 -23.04 -30.82 13.27
CA ILE A 33 -22.27 -32.02 12.92
C ILE A 33 -21.31 -32.38 14.05
N LEU A 34 -20.60 -31.38 14.58
CA LEU A 34 -19.53 -31.64 15.54
C LEU A 34 -20.05 -32.15 16.88
N SER A 35 -21.24 -31.72 17.30
CA SER A 35 -21.62 -31.88 18.72
C SER A 35 -21.73 -33.34 19.12
N GLY A 36 -22.61 -34.11 18.47
CA GLY A 36 -23.48 -33.64 17.42
C GLY A 36 -24.81 -34.36 17.42
N LYS A 37 -25.84 -33.71 17.97
CA LYS A 37 -27.21 -34.22 17.86
C LYS A 37 -27.63 -34.16 16.39
N ALA A 38 -28.93 -34.28 16.14
CA ALA A 38 -29.45 -34.17 14.78
C ALA A 38 -29.05 -35.37 13.91
N SER A 39 -28.09 -36.17 14.36
CA SER A 39 -27.65 -37.32 13.58
C SER A 39 -26.78 -38.22 14.43
N ASN A 40 -26.95 -39.53 14.27
CA ASN A 40 -26.08 -40.52 14.86
C ASN A 40 -25.11 -41.13 13.86
N ASN A 41 -25.00 -40.54 12.66
CA ASN A 41 -24.11 -41.00 11.61
C ASN A 41 -22.96 -40.01 11.49
N PRO A 42 -21.91 -40.15 12.29
CA PRO A 42 -20.88 -39.11 12.35
C PRO A 42 -20.01 -39.10 11.09
N PRO A 43 -19.16 -38.09 10.95
CA PRO A 43 -18.28 -38.04 9.77
C PRO A 43 -17.19 -39.09 9.86
N PHE A 44 -16.79 -39.60 8.70
CA PHE A 44 -15.68 -40.54 8.66
C PHE A 44 -14.42 -39.88 9.23
N VAL A 45 -13.75 -40.56 10.13
CA VAL A 45 -12.61 -40.01 10.85
C VAL A 45 -11.33 -40.43 10.14
N ILE A 46 -10.49 -39.45 9.85
CA ILE A 46 -9.22 -39.66 9.17
C ILE A 46 -8.14 -39.43 10.22
N HIS A 47 -7.66 -40.52 10.83
CA HIS A 47 -6.74 -40.44 11.97
C HIS A 47 -5.36 -41.00 11.69
N ASP A 48 -5.12 -41.61 10.53
CA ASP A 48 -3.80 -42.16 10.23
C ASP A 48 -3.72 -42.39 8.72
N MET A 49 -2.60 -42.97 8.28
CA MET A 49 -2.40 -43.16 6.85
C MET A 49 -3.45 -44.10 6.25
N GLU A 50 -3.86 -45.12 7.00
CA GLU A 50 -4.75 -46.13 6.45
C GLU A 50 -6.15 -45.56 6.23
N THR A 51 -6.69 -44.87 7.24
CA THR A 51 -8.00 -44.26 7.07
C THR A 51 -7.97 -43.17 6.01
N LEU A 52 -6.86 -42.47 5.84
CA LEU A 52 -6.76 -41.51 4.76
C LEU A 52 -7.01 -42.18 3.42
N CYS A 53 -6.29 -43.27 3.15
CA CYS A 53 -6.44 -43.96 1.87
C CYS A 53 -7.88 -44.42 1.66
N MET A 54 -8.53 -44.92 2.71
CA MET A 54 -9.95 -45.24 2.63
C MET A 54 -10.75 -44.06 2.09
N ALA A 55 -10.56 -42.88 2.70
CA ALA A 55 -11.26 -41.69 2.24
C ALA A 55 -10.97 -41.41 0.78
N GLU A 56 -9.70 -41.53 0.37
CA GLU A 56 -9.34 -41.21 -1.01
C GLU A 56 -9.94 -42.20 -2.00
N LYS A 57 -10.18 -43.45 -1.58
CA LYS A 57 -10.84 -44.40 -2.46
C LYS A 57 -12.23 -43.92 -2.86
N THR A 58 -12.80 -42.97 -2.12
CA THR A 58 -14.07 -42.38 -2.51
C THR A 58 -13.89 -41.25 -3.51
N LEU A 59 -12.85 -40.42 -3.31
CA LEU A 59 -12.61 -39.26 -4.16
C LEU A 59 -11.86 -39.64 -5.43
N VAL A 60 -12.38 -40.62 -6.17
CA VAL A 60 -11.65 -41.24 -7.29
C VAL A 60 -11.42 -40.25 -8.43
N ALA A 61 -12.50 -39.87 -9.13
CA ALA A 61 -12.35 -38.97 -10.26
C ALA A 61 -11.61 -37.70 -9.87
N LYS A 62 -11.99 -37.12 -8.73
CA LYS A 62 -11.31 -35.94 -8.19
C LYS A 62 -10.00 -36.32 -7.50
N GLN A 69 -2.15 -37.92 -6.95
CA GLN A 69 -2.88 -39.17 -7.15
C GLN A 69 -2.00 -40.36 -6.79
N ASN A 70 -0.79 -40.38 -7.35
CA ASN A 70 0.27 -41.27 -6.95
C ASN A 70 1.36 -40.54 -6.17
N LYS A 71 1.07 -39.34 -5.70
CA LYS A 71 2.05 -38.52 -5.00
C LYS A 71 2.13 -38.94 -3.54
N GLU A 72 3.18 -38.46 -2.86
CA GLU A 72 3.32 -38.67 -1.44
C GLU A 72 2.06 -38.21 -0.72
N ALA A 73 1.74 -38.87 0.40
CA ALA A 73 0.52 -38.54 1.14
C ALA A 73 0.46 -37.05 1.47
N GLU A 74 1.55 -36.51 2.03
CA GLU A 74 1.56 -35.08 2.36
C GLU A 74 1.09 -34.24 1.17
N VAL A 75 1.59 -34.54 -0.02
CA VAL A 75 1.27 -33.73 -1.18
C VAL A 75 -0.20 -33.86 -1.56
N ARG A 76 -0.80 -35.04 -1.34
CA ARG A 76 -2.20 -35.21 -1.69
C ARG A 76 -3.09 -34.40 -0.75
N ILE A 77 -2.76 -34.40 0.54
CA ILE A 77 -3.45 -33.55 1.51
C ILE A 77 -3.27 -32.09 1.12
N PHE A 78 -2.04 -31.70 0.77
CA PHE A 78 -1.77 -30.36 0.28
C PHE A 78 -2.67 -30.02 -0.91
N HIS A 79 -3.03 -31.01 -1.71
CA HIS A 79 -3.90 -30.76 -2.85
C HIS A 79 -5.35 -30.57 -2.40
N CYS A 80 -5.81 -31.40 -1.47
CA CYS A 80 -7.15 -31.21 -0.94
C CYS A 80 -7.29 -29.84 -0.31
N CYS A 81 -6.27 -29.37 0.41
CA CYS A 81 -6.28 -28.03 0.97
C CYS A 81 -6.43 -26.98 -0.12
N GLN A 82 -5.65 -27.07 -1.19
CA GLN A 82 -5.75 -26.10 -2.28
C GLN A 82 -7.16 -26.04 -2.84
N CYS A 83 -7.77 -27.20 -3.12
CA CYS A 83 -9.13 -27.21 -3.65
C CYS A 83 -10.08 -26.47 -2.72
N THR A 84 -10.00 -26.75 -1.41
CA THR A 84 -10.84 -26.06 -0.45
C THR A 84 -10.52 -24.56 -0.44
N SER A 85 -9.24 -24.21 -0.51
CA SER A 85 -8.84 -22.80 -0.56
C SER A 85 -9.41 -22.09 -1.78
N VAL A 86 -9.25 -22.70 -2.96
CA VAL A 86 -9.71 -22.07 -4.19
C VAL A 86 -11.19 -21.73 -4.08
N GLU A 87 -12.03 -22.68 -3.67
CA GLU A 87 -13.45 -22.36 -3.67
C GLU A 87 -13.81 -21.40 -2.55
N THR A 88 -13.07 -21.38 -1.44
CA THR A 88 -13.36 -20.39 -0.42
C THR A 88 -12.99 -18.98 -0.89
N VAL A 89 -11.82 -18.84 -1.53
CA VAL A 89 -11.50 -17.59 -2.21
C VAL A 89 -12.62 -17.20 -3.16
N THR A 90 -13.13 -18.18 -3.91
CA THR A 90 -14.22 -17.93 -4.86
C THR A 90 -15.47 -17.43 -4.16
N GLU A 91 -15.90 -18.14 -3.12
CA GLU A 91 -17.06 -17.68 -2.36
C GLU A 91 -16.79 -16.31 -1.75
N LEU A 92 -15.63 -16.14 -1.09
CA LEU A 92 -15.26 -14.83 -0.55
C LEU A 92 -15.37 -13.74 -1.59
N THR A 93 -15.08 -14.05 -2.85
CA THR A 93 -15.15 -13.03 -3.88
C THR A 93 -16.60 -12.65 -4.15
N GLU A 94 -17.49 -13.63 -4.25
CA GLU A 94 -18.91 -13.32 -4.32
C GLU A 94 -19.37 -12.53 -3.11
N PHE A 95 -18.94 -12.94 -1.92
CA PHE A 95 -19.34 -12.26 -0.69
C PHE A 95 -18.92 -10.79 -0.69
N ALA A 96 -17.68 -10.51 -1.11
CA ALA A 96 -17.19 -9.13 -1.14
C ALA A 96 -18.04 -8.28 -2.08
N LYS A 97 -18.27 -8.77 -3.30
CA LYS A 97 -19.06 -8.00 -4.25
C LYS A 97 -20.44 -7.63 -3.71
N ALA A 98 -20.89 -8.26 -2.63
CA ALA A 98 -22.20 -7.95 -2.06
C ALA A 98 -22.12 -6.98 -0.89
N ILE A 99 -20.93 -6.64 -0.41
CA ILE A 99 -20.79 -5.63 0.65
C ILE A 99 -21.03 -4.25 0.06
N PRO A 100 -21.97 -3.47 0.60
CA PRO A 100 -22.24 -2.14 0.02
C PRO A 100 -20.98 -1.29 -0.02
N GLY A 101 -20.68 -0.76 -1.20
CA GLY A 101 -19.51 0.04 -1.43
C GLY A 101 -18.36 -0.71 -2.08
N PHE A 102 -18.27 -2.04 -1.90
CA PHE A 102 -17.13 -2.77 -2.42
C PHE A 102 -17.06 -2.71 -3.94
N ALA A 103 -18.13 -3.15 -4.61
CA ALA A 103 -18.09 -3.16 -6.07
C ALA A 103 -17.90 -1.76 -6.65
N ASN A 104 -18.29 -0.72 -5.91
CA ASN A 104 -18.07 0.66 -6.36
C ASN A 104 -16.58 1.01 -6.43
N LEU A 105 -15.72 0.22 -5.81
CA LEU A 105 -14.31 0.56 -5.70
C LEU A 105 -13.59 0.37 -7.02
N ASP A 106 -12.42 0.98 -7.10
CA ASP A 106 -11.57 1.08 -8.28
C ASP A 106 -11.43 -0.19 -9.11
N LEU A 107 -11.69 -1.36 -8.52
CA LEU A 107 -11.46 -2.60 -9.25
C LEU A 107 -9.97 -2.68 -9.56
N ASN A 108 -9.20 -3.23 -8.64
CA ASN A 108 -7.77 -3.01 -8.56
C ASN A 108 -7.49 -2.86 -7.08
N ASP A 109 -8.18 -1.89 -6.47
CA ASP A 109 -8.39 -1.91 -5.04
C ASP A 109 -9.20 -3.14 -4.64
N GLN A 110 -10.18 -3.54 -5.47
CA GLN A 110 -10.93 -4.75 -5.18
C GLN A 110 -10.02 -5.97 -5.21
N VAL A 111 -9.16 -6.06 -6.22
CA VAL A 111 -8.21 -7.16 -6.29
C VAL A 111 -7.27 -7.12 -5.11
N THR A 112 -6.84 -5.91 -4.72
CA THR A 112 -5.90 -5.78 -3.62
C THR A 112 -6.54 -6.15 -2.29
N LEU A 113 -7.78 -5.67 -2.05
CA LEU A 113 -8.47 -6.04 -0.82
C LEU A 113 -8.63 -7.56 -0.72
N LEU A 114 -9.08 -8.19 -1.81
CA LEU A 114 -9.22 -9.64 -1.83
C LEU A 114 -7.87 -10.33 -1.67
N LYS A 115 -6.84 -9.80 -2.32
CA LYS A 115 -5.52 -10.42 -2.29
C LYS A 115 -5.02 -10.57 -0.85
N TYR A 116 -5.11 -9.47 -0.07
CA TYR A 116 -4.64 -9.48 1.31
C TYR A 116 -5.73 -9.87 2.30
N GLY A 117 -7.00 -9.87 1.90
CA GLY A 117 -8.05 -10.25 2.81
C GLY A 117 -8.35 -11.73 2.91
N VAL A 118 -8.31 -12.45 1.78
CA VAL A 118 -9.00 -13.74 1.72
C VAL A 118 -8.45 -14.70 2.77
N TYR A 119 -7.13 -14.75 2.96
CA TYR A 119 -6.61 -15.77 3.86
C TYR A 119 -6.83 -15.43 5.34
N GLU A 120 -6.84 -14.14 5.70
CA GLU A 120 -7.27 -13.81 7.04
C GLU A 120 -8.73 -14.21 7.24
N ALA A 121 -9.58 -13.95 6.24
CA ALA A 121 -10.96 -14.38 6.33
C ALA A 121 -11.08 -15.90 6.39
N ILE A 122 -10.26 -16.61 5.59
CA ILE A 122 -10.33 -18.07 5.56
C ILE A 122 -10.01 -18.64 6.93
N PHE A 123 -8.94 -18.16 7.55
CA PHE A 123 -8.54 -18.71 8.84
C PHE A 123 -9.48 -18.28 9.95
N ALA A 124 -10.07 -17.10 9.84
CA ALA A 124 -11.17 -16.74 10.73
C ALA A 124 -12.30 -17.76 10.63
N MET A 125 -12.78 -18.02 9.41
CA MET A 125 -13.94 -18.91 9.25
C MET A 125 -13.57 -20.36 9.52
N LEU A 126 -12.32 -20.74 9.28
CA LEU A 126 -11.87 -22.11 9.52
C LEU A 126 -12.14 -22.55 10.96
N SER A 127 -12.00 -21.62 11.93
CA SER A 127 -12.29 -21.94 13.33
C SER A 127 -13.64 -22.63 13.48
N SER A 128 -14.66 -22.14 12.78
CA SER A 128 -15.99 -22.73 12.85
C SER A 128 -15.98 -24.24 12.68
N VAL A 129 -15.07 -24.76 11.87
CA VAL A 129 -15.09 -26.17 11.48
C VAL A 129 -14.05 -26.97 12.25
N MET A 130 -13.47 -26.39 13.31
CA MET A 130 -12.41 -27.00 14.11
C MET A 130 -12.83 -27.15 15.56
N ASN A 131 -12.46 -28.26 16.18
CA ASN A 131 -12.44 -28.36 17.64
C ASN A 131 -11.05 -28.80 18.07
N LYS A 132 -10.87 -29.02 19.37
CA LYS A 132 -9.52 -29.23 19.88
C LYS A 132 -8.82 -30.42 19.26
N ASP A 133 -9.57 -31.34 18.63
CA ASP A 133 -9.04 -32.62 18.17
C ASP A 133 -8.98 -32.78 16.66
N GLY A 134 -9.58 -31.88 15.90
CA GLY A 134 -9.57 -32.03 14.46
C GLY A 134 -10.54 -31.06 13.82
N MET A 135 -10.76 -31.25 12.52
CA MET A 135 -11.54 -30.33 11.73
C MET A 135 -12.39 -31.09 10.70
N LEU A 136 -13.59 -30.55 10.44
CA LEU A 136 -14.43 -31.07 9.38
C LEU A 136 -13.76 -30.87 8.02
N VAL A 137 -13.95 -31.84 7.13
CA VAL A 137 -13.51 -31.73 5.75
C VAL A 137 -14.61 -32.33 4.87
N ALA A 138 -14.43 -32.17 3.56
CA ALA A 138 -15.36 -32.66 2.55
C ALA A 138 -16.80 -32.28 2.90
N TYR A 139 -16.99 -30.98 3.09
CA TYR A 139 -18.33 -30.41 3.30
C TYR A 139 -19.01 -31.05 4.50
N GLY A 140 -18.22 -31.38 5.51
CA GLY A 140 -18.75 -31.95 6.74
C GLY A 140 -18.83 -33.45 6.76
N ASN A 141 -18.46 -34.12 5.67
CA ASN A 141 -18.53 -35.56 5.62
C ASN A 141 -17.31 -36.24 6.22
N GLY A 142 -16.19 -35.52 6.35
CA GLY A 142 -15.00 -36.06 6.96
C GLY A 142 -14.65 -35.31 8.23
N PHE A 143 -13.71 -35.90 8.97
CA PHE A 143 -13.13 -35.29 10.15
C PHE A 143 -11.70 -35.79 10.25
N ILE A 144 -10.74 -34.92 9.97
CA ILE A 144 -9.33 -35.28 10.00
C ILE A 144 -8.73 -34.76 11.30
N THR A 145 -7.94 -35.62 11.96
CA THR A 145 -7.52 -35.33 13.33
C THR A 145 -6.33 -34.39 13.36
N ARG A 146 -6.28 -33.59 14.43
CA ARG A 146 -5.15 -32.70 14.63
C ARG A 146 -3.85 -33.48 14.76
N GLU A 147 -3.84 -34.50 15.63
CA GLU A 147 -2.66 -35.33 15.81
C GLU A 147 -2.16 -35.89 14.49
N PHE A 148 -3.07 -36.41 13.65
CA PHE A 148 -2.64 -36.92 12.36
C PHE A 148 -1.96 -35.83 11.53
N LEU A 149 -2.51 -34.62 11.50
CA LEU A 149 -1.86 -33.53 10.77
C LEU A 149 -0.48 -33.22 11.33
N LYS A 150 -0.33 -33.25 12.66
CA LYS A 150 1.00 -33.10 13.25
C LYS A 150 1.92 -34.25 12.84
N SER A 151 1.36 -35.45 12.64
CA SER A 151 2.20 -36.61 12.35
C SER A 151 2.85 -36.56 10.97
N LEU A 152 2.38 -35.71 10.07
CA LEU A 152 3.02 -35.63 8.76
C LEU A 152 4.48 -35.16 8.92
N ARG A 153 5.21 -35.15 7.81
CA ARG A 153 6.60 -34.70 7.83
C ARG A 153 6.67 -33.20 7.56
N LYS A 154 7.84 -32.62 7.80
CA LYS A 154 8.03 -31.21 7.52
C LYS A 154 8.03 -30.96 6.01
N PRO A 155 7.59 -29.77 5.58
CA PRO A 155 7.02 -28.76 6.46
C PRO A 155 5.49 -28.88 6.54
N PHE A 156 4.96 -30.00 6.04
CA PHE A 156 3.51 -30.17 5.94
C PHE A 156 2.86 -30.26 7.31
N CYS A 157 3.54 -30.87 8.28
CA CYS A 157 2.99 -30.91 9.64
C CYS A 157 2.89 -29.52 10.25
N ASP A 158 3.50 -28.51 9.63
CA ASP A 158 3.60 -27.17 10.20
C ASP A 158 2.60 -26.19 9.59
N ILE A 159 1.50 -26.69 9.01
CA ILE A 159 0.56 -25.84 8.30
C ILE A 159 -0.68 -25.58 9.13
N MET A 160 -1.26 -26.63 9.71
CA MET A 160 -2.56 -26.54 10.35
C MET A 160 -2.45 -26.20 11.83
N GLU A 161 -1.46 -26.75 12.52
CA GLU A 161 -1.37 -26.57 13.96
C GLU A 161 -1.46 -25.12 14.39
N PRO A 162 -0.80 -24.16 13.73
CA PRO A 162 -1.04 -22.75 14.09
C PRO A 162 -2.49 -22.34 13.91
N LYS A 163 -3.15 -22.80 12.84
CA LYS A 163 -4.57 -22.50 12.66
C LYS A 163 -5.40 -23.05 13.81
N PHE A 164 -5.09 -24.27 14.26
CA PHE A 164 -5.79 -24.83 15.42
C PHE A 164 -5.60 -23.95 16.64
N ASP A 165 -4.33 -23.57 16.93
CA ASP A 165 -4.04 -22.72 18.07
C ASP A 165 -4.92 -21.46 18.03
N PHE A 166 -4.96 -20.79 16.88
CA PHE A 166 -5.84 -19.63 16.74
C PHE A 166 -7.30 -20.01 16.96
N ALA A 167 -7.74 -21.10 16.32
CA ALA A 167 -9.17 -21.43 16.39
C ALA A 167 -9.63 -21.68 17.82
N MET A 168 -8.81 -22.36 18.64
CA MET A 168 -9.26 -22.67 19.99
C MET A 168 -9.53 -21.40 20.79
N LYS A 169 -8.64 -20.41 20.71
CA LYS A 169 -8.88 -19.12 21.36
C LYS A 169 -10.04 -18.38 20.70
N PHE A 170 -10.08 -18.35 19.37
CA PHE A 170 -11.15 -17.66 18.66
C PHE A 170 -12.52 -18.25 19.00
N ASN A 171 -12.64 -19.58 19.00
CA ASN A 171 -13.91 -20.21 19.36
C ASN A 171 -14.31 -19.95 20.80
N ALA A 172 -13.37 -19.58 21.66
CA ALA A 172 -13.74 -19.22 23.04
C ALA A 172 -14.61 -17.98 23.08
N LEU A 173 -14.55 -17.13 22.05
CA LEU A 173 -15.38 -15.93 21.97
C LEU A 173 -16.87 -16.24 21.78
N GLU A 174 -17.22 -17.44 21.31
CA GLU A 174 -18.63 -17.83 21.16
C GLU A 174 -19.36 -17.00 20.10
N LEU A 175 -18.65 -16.53 19.08
CA LEU A 175 -19.32 -15.82 18.01
C LEU A 175 -20.31 -16.76 17.30
N ASP A 176 -21.42 -16.19 16.85
CA ASP A 176 -22.30 -16.90 15.93
C ASP A 176 -22.08 -16.36 14.52
N ASP A 177 -22.84 -16.89 13.56
CA ASP A 177 -22.63 -16.54 12.16
C ASP A 177 -22.90 -15.07 11.88
N SER A 178 -23.80 -14.44 12.65
CA SER A 178 -24.05 -13.03 12.42
C SER A 178 -22.85 -12.18 12.80
N ASP A 179 -22.19 -12.50 13.91
CA ASP A 179 -20.93 -11.84 14.27
C ASP A 179 -19.87 -12.08 13.20
N ILE A 180 -19.73 -13.33 12.77
CA ILE A 180 -18.61 -13.71 11.91
C ILE A 180 -18.70 -13.03 10.54
N SER A 181 -19.92 -12.88 10.01
CA SER A 181 -20.05 -12.24 8.71
C SER A 181 -19.62 -10.77 8.76
N LEU A 182 -20.00 -10.07 9.82
CA LEU A 182 -19.52 -8.70 10.00
C LEU A 182 -18.01 -8.69 10.14
N PHE A 183 -17.47 -9.60 10.96
CA PHE A 183 -16.03 -9.67 11.17
C PHE A 183 -15.30 -9.94 9.87
N VAL A 184 -15.86 -10.82 9.04
CA VAL A 184 -15.22 -11.13 7.76
C VAL A 184 -15.30 -9.92 6.82
N ALA A 185 -16.42 -9.20 6.85
CA ALA A 185 -16.53 -8.00 6.03
C ALA A 185 -15.52 -6.94 6.46
N ALA A 186 -15.30 -6.80 7.77
CA ALA A 186 -14.29 -5.83 8.22
C ALA A 186 -12.91 -6.24 7.76
N ILE A 187 -12.60 -7.54 7.83
CA ILE A 187 -11.29 -8.03 7.39
C ILE A 187 -11.05 -7.62 5.94
N ILE A 188 -12.04 -7.86 5.08
CA ILE A 188 -11.86 -7.63 3.65
C ILE A 188 -11.80 -6.13 3.34
N CYS A 189 -12.64 -5.33 3.99
CA CYS A 189 -12.67 -3.88 3.72
C CYS A 189 -11.65 -3.15 4.58
N CYS A 190 -10.39 -3.53 4.40
CA CYS A 190 -9.30 -3.09 5.26
C CYS A 190 -8.53 -1.97 4.59
N GLY A 191 -8.50 -0.80 5.23
CA GLY A 191 -7.97 0.41 4.62
C GLY A 191 -6.44 0.46 4.48
N ASP A 192 -5.70 -0.46 5.09
CA ASP A 192 -4.24 -0.36 5.07
C ASP A 192 -3.57 -1.54 4.38
N ARG A 193 -4.23 -2.12 3.38
CA ARG A 193 -3.53 -3.08 2.56
C ARG A 193 -2.53 -2.35 1.67
N PRO A 194 -1.38 -2.98 1.37
CA PRO A 194 -0.37 -2.29 0.56
C PRO A 194 -0.83 -2.12 -0.88
N GLY A 195 -0.60 -0.93 -1.42
CA GLY A 195 -0.92 -0.63 -2.81
C GLY A 195 -2.31 -0.09 -3.05
N LEU A 196 -3.13 0.04 -2.02
CA LEU A 196 -4.46 0.61 -2.19
C LEU A 196 -4.38 2.00 -2.79
N LEU A 197 -5.26 2.28 -3.76
CA LEU A 197 -5.32 3.60 -4.39
C LEU A 197 -6.09 4.60 -3.52
N ASN A 198 -7.35 4.30 -3.23
CA ASN A 198 -8.23 5.27 -2.58
C ASN A 198 -8.40 4.95 -1.09
N VAL A 199 -7.27 5.04 -0.38
CA VAL A 199 -7.24 4.70 1.04
C VAL A 199 -8.30 5.49 1.80
N GLY A 200 -8.49 6.76 1.43
CA GLY A 200 -9.48 7.58 2.11
C GLY A 200 -10.89 6.99 2.06
N HIS A 201 -11.32 6.55 0.87
CA HIS A 201 -12.69 6.07 0.74
C HIS A 201 -12.87 4.70 1.38
N ILE A 202 -11.97 3.76 1.08
CA ILE A 202 -12.03 2.45 1.72
C ILE A 202 -12.11 2.61 3.23
N GLU A 203 -11.30 3.52 3.78
CA GLU A 203 -11.32 3.72 5.23
C GLU A 203 -12.69 4.18 5.70
N LYS A 204 -13.35 5.07 4.94
CA LYS A 204 -14.72 5.42 5.26
C LYS A 204 -15.61 4.20 5.26
N MET A 205 -15.45 3.35 4.25
CA MET A 205 -16.31 2.18 4.13
C MET A 205 -16.09 1.22 5.29
N GLN A 206 -14.85 1.03 5.72
CA GLN A 206 -14.60 0.06 6.78
C GLN A 206 -15.05 0.58 8.15
N GLU A 207 -14.94 1.88 8.40
CA GLU A 207 -15.41 2.40 9.68
C GLU A 207 -16.93 2.27 9.81
N GLY A 208 -17.65 2.24 8.69
CA GLY A 208 -19.07 1.94 8.75
C GLY A 208 -19.34 0.49 9.16
N ILE A 209 -18.60 -0.46 8.56
CA ILE A 209 -18.74 -1.87 8.90
C ILE A 209 -18.31 -2.11 10.34
N VAL A 210 -17.13 -1.63 10.69
CA VAL A 210 -16.62 -1.75 12.05
C VAL A 210 -17.59 -1.15 13.06
N HIS A 211 -18.26 -0.06 12.68
CA HIS A 211 -19.24 0.54 13.58
C HIS A 211 -20.44 -0.39 13.75
N VAL A 212 -20.95 -0.94 12.66
CA VAL A 212 -22.03 -1.90 12.74
C VAL A 212 -21.61 -3.12 13.54
N LEU A 213 -20.36 -3.55 13.37
CA LEU A 213 -19.83 -4.68 14.14
C LEU A 213 -19.83 -4.38 15.65
N ARG A 214 -19.42 -3.16 16.02
CA ARG A 214 -19.34 -2.83 17.45
C ARG A 214 -20.71 -2.83 18.09
N LEU A 215 -21.68 -2.15 17.47
CA LEU A 215 -23.02 -2.08 18.02
C LEU A 215 -23.70 -3.45 17.99
N HIS A 216 -23.44 -4.22 16.94
CA HIS A 216 -24.01 -5.57 16.89
C HIS A 216 -23.45 -6.44 18.01
N LEU A 217 -22.15 -6.33 18.29
CA LEU A 217 -21.56 -7.14 19.36
C LEU A 217 -22.09 -6.70 20.72
N GLN A 218 -22.35 -5.41 20.91
CA GLN A 218 -23.00 -4.95 22.13
C GLN A 218 -24.36 -5.63 22.30
N SER A 219 -25.15 -5.69 21.23
CA SER A 219 -26.51 -6.21 21.31
C SER A 219 -26.51 -7.73 21.44
N ASN A 220 -25.60 -8.39 20.76
CA ASN A 220 -25.61 -9.84 20.67
C ASN A 220 -24.86 -10.52 21.82
N HIS A 221 -23.88 -9.83 22.43
CA HIS A 221 -23.11 -10.37 23.56
C HIS A 221 -22.96 -9.28 24.61
N PRO A 222 -24.06 -8.92 25.29
CA PRO A 222 -24.00 -7.74 26.17
C PRO A 222 -23.03 -7.89 27.33
N ASP A 223 -22.88 -9.10 27.89
CA ASP A 223 -22.02 -9.29 29.06
C ASP A 223 -20.55 -9.21 28.69
N ASP A 224 -20.19 -9.58 27.46
CA ASP A 224 -18.79 -9.63 27.02
C ASP A 224 -18.40 -8.26 26.49
N ILE A 225 -18.26 -7.31 27.42
CA ILE A 225 -18.28 -5.90 27.02
C ILE A 225 -17.01 -5.47 26.26
N PHE A 226 -15.91 -6.21 26.39
CA PHE A 226 -14.73 -5.93 25.58
C PHE A 226 -14.59 -6.88 24.39
N LEU A 227 -15.69 -7.54 23.98
CA LEU A 227 -15.64 -8.40 22.80
C LEU A 227 -15.08 -7.68 21.58
N PHE A 228 -15.54 -6.45 21.32
CA PHE A 228 -15.04 -5.74 20.15
C PHE A 228 -13.53 -5.53 20.21
N PRO A 229 -12.95 -4.94 21.27
CA PRO A 229 -11.49 -4.87 21.33
C PRO A 229 -10.83 -6.24 21.23
N LYS A 230 -11.41 -7.28 21.83
CA LYS A 230 -10.87 -8.62 21.62
C LYS A 230 -10.84 -8.95 20.14
N LEU A 231 -11.94 -8.67 19.43
CA LEU A 231 -11.97 -8.95 17.99
C LEU A 231 -10.93 -8.13 17.25
N LEU A 232 -10.75 -6.86 17.64
CA LEU A 232 -9.69 -6.05 17.04
C LEU A 232 -8.34 -6.75 17.18
N GLN A 233 -8.04 -7.27 18.37
CA GLN A 233 -6.82 -8.04 18.59
C GLN A 233 -6.76 -9.26 17.67
N LYS A 234 -7.88 -9.97 17.55
CA LYS A 234 -7.92 -11.13 16.64
C LYS A 234 -7.57 -10.75 15.21
N MET A 235 -7.95 -9.55 14.78
CA MET A 235 -7.62 -9.12 13.42
C MET A 235 -6.13 -8.90 13.26
N ALA A 236 -5.47 -8.31 14.25
CA ALA A 236 -4.02 -8.23 14.24
C ALA A 236 -3.38 -9.62 14.24
N ASP A 237 -3.88 -10.52 15.10
CA ASP A 237 -3.36 -11.90 15.12
C ASP A 237 -3.53 -12.58 13.77
N LEU A 238 -4.68 -12.38 13.12
CA LEU A 238 -4.88 -12.97 11.79
C LEU A 238 -3.83 -12.49 10.81
N ARG A 239 -3.50 -11.19 10.84
CA ARG A 239 -2.47 -10.67 9.95
C ARG A 239 -1.14 -11.35 10.20
N GLN A 240 -0.73 -11.43 11.47
CA GLN A 240 0.48 -12.18 11.79
C GLN A 240 0.37 -13.63 11.34
N LEU A 241 -0.76 -14.28 11.64
CA LEU A 241 -0.97 -15.67 11.24
C LEU A 241 -0.79 -15.83 9.72
N VAL A 242 -1.35 -14.90 8.94
CA VAL A 242 -1.25 -15.03 7.49
C VAL A 242 0.17 -14.76 7.02
N THR A 243 0.85 -13.77 7.61
CA THR A 243 2.24 -13.52 7.21
C THR A 243 3.08 -14.77 7.40
N GLU A 244 3.01 -15.38 8.57
CA GLU A 244 3.75 -16.61 8.81
C GLU A 244 3.32 -17.71 7.84
N HIS A 245 2.02 -17.85 7.61
CA HIS A 245 1.55 -18.85 6.64
C HIS A 245 2.09 -18.56 5.24
N ALA A 246 2.09 -17.29 4.83
CA ALA A 246 2.72 -16.96 3.56
C ALA A 246 4.18 -17.42 3.53
N GLN A 247 4.92 -17.17 4.62
CA GLN A 247 6.31 -17.59 4.67
C GLN A 247 6.45 -19.09 4.43
N LEU A 248 5.59 -19.89 5.05
CA LEU A 248 5.65 -21.33 4.88
C LEU A 248 5.32 -21.74 3.44
N VAL A 249 4.38 -21.04 2.81
CA VAL A 249 4.02 -21.35 1.41
C VAL A 249 5.20 -21.08 0.48
N GLN A 250 5.96 -20.03 0.75
CA GLN A 250 7.15 -19.75 -0.05
C GLN A 250 8.18 -20.85 0.14
N ILE A 251 8.41 -21.26 1.38
CA ILE A 251 9.34 -22.36 1.66
C ILE A 251 8.95 -23.63 0.92
N ILE A 252 7.65 -23.82 0.66
CA ILE A 252 7.20 -25.02 -0.02
C ILE A 252 7.33 -24.89 -1.54
N LYS A 253 7.14 -23.68 -2.07
CA LYS A 253 7.24 -23.48 -3.52
C LYS A 253 8.64 -23.78 -4.03
N LYS A 254 9.64 -23.67 -3.18
CA LYS A 254 11.05 -23.80 -3.55
C LYS A 254 11.74 -24.83 -2.67
N THR A 255 11.15 -26.01 -2.55
CA THR A 255 11.68 -27.03 -1.65
C THR A 255 10.92 -28.33 -1.82
N GLU A 256 9.74 -28.27 -2.42
CA GLU A 256 8.89 -29.44 -2.65
C GLU A 256 8.54 -29.45 -4.12
N SER A 257 9.30 -30.23 -4.90
CA SER A 257 9.18 -30.22 -6.35
C SER A 257 7.87 -30.80 -6.83
N ASP A 258 6.94 -31.08 -5.92
CA ASP A 258 5.72 -31.78 -6.32
C ASP A 258 4.46 -31.18 -5.70
N ALA A 259 4.52 -29.94 -5.21
CA ALA A 259 3.34 -29.26 -4.66
C ALA A 259 3.15 -27.94 -5.41
N ALA A 260 2.71 -28.04 -6.65
CA ALA A 260 2.41 -26.84 -7.42
C ALA A 260 1.15 -26.17 -6.87
N LEU A 261 1.14 -24.85 -6.86
CA LEU A 261 -0.04 -24.12 -6.42
C LEU A 261 -0.99 -23.92 -7.58
N HIS A 262 -2.28 -24.01 -7.27
CA HIS A 262 -3.30 -23.61 -8.23
C HIS A 262 -2.99 -22.22 -8.77
N PRO A 263 -3.23 -21.96 -10.05
CA PRO A 263 -2.92 -20.62 -10.59
C PRO A 263 -3.52 -19.48 -9.78
N LEU A 264 -4.79 -19.57 -9.43
CA LEU A 264 -5.43 -18.52 -8.63
C LEU A 264 -4.68 -18.30 -7.32
N LEU A 265 -4.19 -19.38 -6.70
CA LEU A 265 -3.45 -19.21 -5.46
C LEU A 265 -2.07 -18.61 -5.70
N GLN A 266 -1.44 -18.91 -6.85
CA GLN A 266 -0.20 -18.23 -7.19
C GLN A 266 -0.43 -16.74 -7.37
N GLU A 267 -1.58 -16.35 -7.95
CA GLU A 267 -1.90 -14.94 -8.10
C GLU A 267 -1.88 -14.22 -6.75
N ILE A 268 -2.49 -14.84 -5.74
CA ILE A 268 -2.65 -14.18 -4.45
C ILE A 268 -1.31 -14.05 -3.74
N TYR A 269 -0.52 -15.13 -3.74
CA TYR A 269 0.76 -15.11 -3.00
C TYR A 269 1.81 -14.26 -3.71
N ARG A 270 1.71 -14.11 -5.02
CA ARG A 270 2.72 -13.38 -5.78
C ARG A 270 2.81 -11.92 -5.35
N ASP A 271 3.90 -11.57 -4.66
CA ASP A 271 4.20 -10.18 -4.27
C ASP A 271 3.42 -9.76 -3.02
N MET A 272 3.26 -10.69 -2.07
CA MET A 272 2.46 -10.42 -0.88
C MET A 272 3.30 -9.85 0.26
N TYR A 273 4.01 -10.72 0.99
CA TYR A 273 4.78 -10.29 2.16
C TYR A 273 6.27 -10.60 1.97
N ARG B 4 -1.66 -8.58 -13.46
CA ARG B 4 -0.96 -9.60 -12.68
C ARG B 4 -1.92 -10.59 -11.98
N HIS B 5 -3.16 -10.15 -11.74
CA HIS B 5 -4.16 -10.97 -11.06
C HIS B 5 -5.30 -11.27 -12.03
N LYS B 6 -4.99 -12.05 -13.07
CA LYS B 6 -5.95 -12.24 -14.16
C LYS B 6 -7.15 -13.07 -13.72
N ILE B 7 -6.91 -14.12 -12.93
CA ILE B 7 -8.02 -14.97 -12.50
C ILE B 7 -8.91 -14.23 -11.49
N LEU B 8 -8.29 -13.44 -10.61
CA LEU B 8 -9.05 -12.66 -9.65
C LEU B 8 -9.87 -11.57 -10.32
N HIS B 9 -9.28 -10.89 -11.33
CA HIS B 9 -10.06 -9.96 -12.16
C HIS B 9 -11.26 -10.67 -12.78
N ARG B 10 -11.00 -11.76 -13.50
CA ARG B 10 -12.07 -12.57 -14.08
C ARG B 10 -13.20 -12.81 -13.08
N LEU B 11 -12.84 -13.31 -11.89
CA LEU B 11 -13.83 -13.61 -10.86
C LEU B 11 -14.66 -12.38 -10.49
N LEU B 12 -14.03 -11.20 -10.45
CA LEU B 12 -14.72 -10.00 -10.03
C LEU B 12 -15.65 -9.44 -11.11
N GLN B 13 -15.49 -9.85 -12.37
CA GLN B 13 -16.36 -9.36 -13.44
C GLN B 13 -17.66 -10.18 -13.52
N GLU B 14 -17.53 -11.47 -13.77
CA GLU B 14 -18.67 -12.35 -14.03
C GLU B 14 -19.84 -12.12 -13.08
N ASP C 7 -2.39 5.55 16.72
CA ASP C 7 -2.98 5.43 15.39
C ASP C 7 -2.13 6.14 14.36
N LEU C 8 -2.27 5.76 13.09
CA LEU C 8 -1.53 6.41 12.01
C LEU C 8 -0.04 6.09 12.08
N LYS C 9 0.47 5.15 11.27
CA LYS C 9 -0.31 4.27 10.38
C LYS C 9 -1.15 4.98 9.32
N SER C 10 -2.41 5.29 9.70
CA SER C 10 -3.33 5.94 8.79
C SER C 10 -2.76 7.24 8.23
N LEU C 11 -2.32 8.15 9.11
CA LEU C 11 -1.86 9.45 8.66
C LEU C 11 -0.81 9.32 7.56
N ALA C 12 0.20 8.49 7.80
CA ALA C 12 1.22 8.22 6.78
C ALA C 12 0.58 7.84 5.45
N LYS C 13 -0.12 6.71 5.42
CA LYS C 13 -0.74 6.22 4.19
C LYS C 13 -1.73 7.20 3.57
N ARG C 14 -2.15 8.23 4.30
CA ARG C 14 -3.04 9.24 3.75
C ARG C 14 -2.31 10.49 3.27
N ILE C 15 -1.22 10.88 3.93
CA ILE C 15 -0.26 11.78 3.28
C ILE C 15 0.34 11.07 2.07
N TYR C 16 0.51 9.75 2.16
CA TYR C 16 0.95 8.98 1.01
C TYR C 16 -0.04 9.10 -0.14
N GLU C 17 -1.34 9.10 0.18
CA GLU C 17 -2.35 9.16 -0.87
C GLU C 17 -2.32 10.52 -1.57
N ALA C 18 -2.20 11.61 -0.81
CA ALA C 18 -2.12 12.94 -1.39
C ALA C 18 -0.90 13.08 -2.29
N TYR C 19 0.21 12.46 -1.89
CA TYR C 19 1.40 12.46 -2.73
C TYR C 19 1.13 11.75 -4.04
N LEU C 20 0.45 10.61 -3.99
CA LEU C 20 0.17 9.83 -5.20
C LEU C 20 -0.77 10.56 -6.15
N LYS C 21 -1.71 11.34 -5.60
CA LYS C 21 -2.71 11.98 -6.44
C LYS C 21 -2.29 13.36 -6.93
N ASN C 22 -1.25 13.96 -6.37
CA ASN C 22 -0.89 15.31 -6.77
C ASN C 22 0.37 15.38 -7.63
N PHE C 23 1.13 14.30 -7.75
CA PHE C 23 2.36 14.30 -8.52
C PHE C 23 2.21 13.30 -9.65
N ASN C 24 2.33 13.77 -10.89
CA ASN C 24 2.17 12.84 -12.01
C ASN C 24 3.31 11.84 -12.05
N MET C 25 4.54 12.30 -11.89
CA MET C 25 5.69 11.41 -11.84
C MET C 25 6.01 11.05 -10.39
N ASN C 26 6.34 9.78 -10.18
CA ASN C 26 6.72 9.32 -8.85
C ASN C 26 7.79 8.26 -9.01
N LYS C 27 8.42 7.90 -7.88
CA LYS C 27 9.59 7.04 -7.97
C LYS C 27 9.25 5.71 -8.62
N VAL C 28 8.12 5.10 -8.25
CA VAL C 28 7.78 3.81 -8.84
C VAL C 28 7.62 3.94 -10.34
N LYS C 29 6.87 4.95 -10.79
CA LYS C 29 6.77 5.21 -12.23
C LYS C 29 8.13 5.51 -12.83
N ALA C 30 8.93 6.34 -12.17
CA ALA C 30 10.22 6.70 -12.74
C ALA C 30 11.12 5.48 -12.86
N ARG C 31 11.26 4.70 -11.78
CA ARG C 31 12.18 3.56 -11.82
C ARG C 31 11.76 2.54 -12.87
N VAL C 32 10.46 2.42 -13.14
CA VAL C 32 10.01 1.52 -14.19
C VAL C 32 10.55 1.98 -15.54
N ILE C 33 10.33 3.25 -15.90
CA ILE C 33 10.80 3.73 -17.20
C ILE C 33 12.30 3.53 -17.33
N LEU C 34 13.04 3.82 -16.26
CA LEU C 34 14.50 3.74 -16.28
C LEU C 34 15.03 2.31 -16.30
N SER C 35 14.21 1.30 -15.99
CA SER C 35 14.79 0.00 -15.72
C SER C 35 15.24 -0.70 -17.01
N GLY C 36 14.36 -0.85 -18.00
CA GLY C 36 12.95 -0.52 -17.98
C GLY C 36 12.20 -1.73 -18.55
N LYS C 37 11.59 -2.51 -17.66
CA LYS C 37 11.05 -3.82 -18.01
C LYS C 37 9.53 -3.82 -18.10
N ALA C 38 8.94 -2.68 -18.45
CA ALA C 38 7.53 -2.63 -18.82
C ALA C 38 7.34 -2.25 -20.28
N SER C 39 8.44 -2.01 -21.01
CA SER C 39 8.37 -1.50 -22.37
C SER C 39 9.76 -1.54 -22.97
N ASN C 40 9.85 -1.94 -24.25
CA ASN C 40 11.06 -1.76 -25.03
C ASN C 40 10.96 -0.53 -25.93
N ASN C 41 10.08 0.41 -25.59
CA ASN C 41 10.03 1.71 -26.24
C ASN C 41 10.60 2.74 -25.27
N PRO C 42 11.91 2.95 -25.27
CA PRO C 42 12.54 3.82 -24.26
C PRO C 42 12.21 5.28 -24.50
N PRO C 43 12.46 6.13 -23.50
CA PRO C 43 12.33 7.57 -23.71
C PRO C 43 13.30 8.05 -24.77
N PHE C 44 12.92 9.14 -25.45
CA PHE C 44 13.79 9.77 -26.44
C PHE C 44 14.95 10.47 -25.75
N VAL C 45 16.18 10.12 -26.14
CA VAL C 45 17.37 10.61 -25.45
C VAL C 45 17.80 11.96 -26.03
N ILE C 46 18.01 12.92 -25.15
CA ILE C 46 18.46 14.26 -25.53
C ILE C 46 19.91 14.34 -25.07
N HIS C 47 20.85 14.10 -25.99
CA HIS C 47 22.27 14.06 -25.64
C HIS C 47 23.11 15.09 -26.38
N ASP C 48 22.51 15.90 -27.24
CA ASP C 48 23.27 16.87 -28.01
C ASP C 48 22.29 17.87 -28.58
N MET C 49 22.83 18.88 -29.26
CA MET C 49 21.99 19.92 -29.83
C MET C 49 21.03 19.35 -30.86
N GLU C 50 21.50 18.40 -31.68
CA GLU C 50 20.66 17.84 -32.72
C GLU C 50 19.41 17.18 -32.13
N THR C 51 19.57 16.39 -31.06
CA THR C 51 18.42 15.74 -30.43
C THR C 51 17.61 16.73 -29.60
N LEU C 52 18.26 17.69 -28.96
CA LEU C 52 17.51 18.77 -28.31
C LEU C 52 16.50 19.37 -29.28
N CYS C 53 17.00 19.84 -30.43
CA CYS C 53 16.11 20.45 -31.44
C CYS C 53 15.00 19.49 -31.84
N MET C 54 15.34 18.24 -32.15
CA MET C 54 14.30 17.24 -32.40
C MET C 54 13.23 17.29 -31.31
N ALA C 55 13.65 17.21 -30.04
CA ALA C 55 12.70 17.21 -28.94
C ALA C 55 11.85 18.48 -28.94
N GLU C 56 12.48 19.62 -29.16
CA GLU C 56 11.76 20.90 -29.11
C GLU C 56 10.66 20.97 -30.17
N LYS C 57 10.71 20.14 -31.20
CA LYS C 57 9.67 20.21 -32.23
C LYS C 57 8.31 19.75 -31.73
N THR C 58 8.20 19.26 -30.50
CA THR C 58 6.92 18.75 -30.02
C THR C 58 6.10 19.80 -29.28
N LEU C 59 6.71 20.46 -28.29
CA LEU C 59 6.00 21.42 -27.45
C LEU C 59 5.87 22.80 -28.09
N VAL C 60 6.48 23.01 -29.26
CA VAL C 60 6.53 24.34 -29.89
C VAL C 60 5.15 25.00 -29.91
N GLN C 69 12.57 31.18 -28.52
CA GLN C 69 12.43 30.15 -29.54
C GLN C 69 13.62 30.20 -30.50
N ASN C 70 14.09 31.42 -30.76
CA ASN C 70 15.30 31.64 -31.52
C ASN C 70 16.47 31.99 -30.62
N LYS C 71 16.34 31.77 -29.31
CA LYS C 71 17.39 32.11 -28.36
C LYS C 71 18.42 30.98 -28.28
N GLU C 72 19.47 31.21 -27.49
CA GLU C 72 20.48 30.19 -27.27
C GLU C 72 19.87 28.92 -26.70
N ALA C 73 20.46 27.78 -27.07
CA ALA C 73 19.97 26.50 -26.56
C ALA C 73 19.93 26.50 -25.04
N GLU C 74 20.95 27.06 -24.40
CA GLU C 74 20.95 27.12 -22.94
C GLU C 74 19.73 27.89 -22.44
N VAL C 75 19.31 28.90 -23.19
CA VAL C 75 18.16 29.72 -22.80
C VAL C 75 16.87 28.94 -22.95
N ARG C 76 16.76 28.14 -24.00
CA ARG C 76 15.55 27.34 -24.19
C ARG C 76 15.45 26.27 -23.11
N ILE C 77 16.56 25.59 -22.83
CA ILE C 77 16.61 24.61 -21.75
C ILE C 77 16.22 25.26 -20.43
N PHE C 78 16.84 26.40 -20.13
CA PHE C 78 16.52 27.12 -18.90
C PHE C 78 15.03 27.42 -18.82
N HIS C 79 14.41 27.74 -19.95
CA HIS C 79 12.96 27.96 -19.96
C HIS C 79 12.18 26.68 -19.70
N CYS C 80 12.60 25.57 -20.32
CA CYS C 80 11.91 24.31 -20.04
C CYS C 80 11.98 23.99 -18.55
N CYS C 81 13.12 24.24 -17.91
CA CYS C 81 13.23 24.04 -16.46
C CYS C 81 12.22 24.88 -15.70
N GLN C 82 12.01 26.13 -16.12
CA GLN C 82 11.03 26.96 -15.45
C GLN C 82 9.64 26.34 -15.58
N CYS C 83 9.34 25.77 -16.75
CA CYS C 83 8.02 25.18 -16.96
C CYS C 83 7.78 24.04 -15.98
N THR C 84 8.78 23.16 -15.82
CA THR C 84 8.62 22.04 -14.91
C THR C 84 8.55 22.53 -13.47
N SER C 85 9.36 23.53 -13.11
CA SER C 85 9.31 24.09 -11.77
C SER C 85 7.92 24.58 -11.42
N VAL C 86 7.30 25.33 -12.33
CA VAL C 86 5.98 25.88 -12.06
C VAL C 86 4.96 24.76 -11.88
N GLU C 87 5.06 23.71 -12.69
CA GLU C 87 4.20 22.54 -12.47
C GLU C 87 4.39 21.98 -11.08
N THR C 88 5.65 21.73 -10.69
CA THR C 88 5.88 21.06 -9.41
C THR C 88 5.46 21.94 -8.24
N VAL C 89 5.76 23.24 -8.32
CA VAL C 89 5.32 24.17 -7.27
C VAL C 89 3.81 24.10 -7.13
N THR C 90 3.11 24.10 -8.26
CA THR C 90 1.65 24.04 -8.23
C THR C 90 1.18 22.75 -7.56
N GLU C 91 1.69 21.61 -8.01
CA GLU C 91 1.31 20.33 -7.41
C GLU C 91 1.67 20.31 -5.92
N LEU C 92 2.87 20.78 -5.60
CA LEU C 92 3.29 20.86 -4.20
C LEU C 92 2.32 21.68 -3.36
N THR C 93 1.69 22.71 -3.94
CA THR C 93 0.71 23.51 -3.20
C THR C 93 -0.55 22.71 -2.90
N GLU C 94 -1.10 22.01 -3.90
CA GLU C 94 -2.22 21.12 -3.65
C GLU C 94 -1.84 19.99 -2.68
N PHE C 95 -0.60 19.49 -2.75
CA PHE C 95 -0.18 18.48 -1.78
C PHE C 95 -0.18 19.04 -0.36
N ALA C 96 0.33 20.26 -0.19
CA ALA C 96 0.32 20.88 1.14
C ALA C 96 -1.10 21.01 1.68
N LYS C 97 -2.04 21.43 0.81
CA LYS C 97 -3.42 21.63 1.25
C LYS C 97 -3.99 20.38 1.89
N ALA C 98 -3.50 19.21 1.49
CA ALA C 98 -4.00 17.93 1.98
C ALA C 98 -3.20 17.40 3.17
N ILE C 99 -2.19 18.13 3.64
CA ILE C 99 -1.51 17.73 4.87
C ILE C 99 -2.39 18.11 6.06
N PRO C 100 -2.68 17.18 6.96
CA PRO C 100 -3.49 17.52 8.15
C PRO C 100 -2.96 18.70 8.94
N GLY C 101 -3.71 19.79 8.96
CA GLY C 101 -3.39 20.98 9.73
C GLY C 101 -2.88 22.14 8.91
N PHE C 102 -2.49 21.91 7.65
CA PHE C 102 -1.89 22.97 6.87
C PHE C 102 -2.92 24.02 6.45
N ALA C 103 -4.07 23.56 5.94
CA ALA C 103 -5.11 24.49 5.50
C ALA C 103 -5.62 25.37 6.64
N ASN C 104 -5.50 24.90 7.88
CA ASN C 104 -5.88 25.69 9.05
C ASN C 104 -4.85 26.75 9.42
N LEU C 105 -3.70 26.79 8.76
CA LEU C 105 -2.65 27.71 9.17
C LEU C 105 -2.99 29.12 8.72
N ASP C 106 -2.34 30.09 9.36
CA ASP C 106 -2.69 31.50 9.17
C ASP C 106 -2.95 31.85 7.70
N LEU C 107 -2.28 31.16 6.78
CA LEU C 107 -2.38 31.41 5.34
C LEU C 107 -1.22 32.30 4.89
N ASN C 108 -0.89 33.30 5.72
CA ASN C 108 0.39 33.97 5.53
C ASN C 108 1.55 33.03 5.85
N ASP C 109 1.35 32.14 6.83
CA ASP C 109 2.33 31.11 7.11
C ASP C 109 2.33 30.02 6.04
N GLN C 110 1.18 29.76 5.42
CA GLN C 110 1.17 28.84 4.29
C GLN C 110 2.09 29.32 3.19
N VAL C 111 1.93 30.58 2.77
CA VAL C 111 2.79 31.16 1.73
C VAL C 111 4.25 31.11 2.17
N THR C 112 4.52 31.40 3.44
CA THR C 112 5.90 31.33 3.92
C THR C 112 6.44 29.91 3.79
N LEU C 113 5.66 28.91 4.27
CA LEU C 113 6.13 27.53 4.24
C LEU C 113 6.38 27.06 2.82
N LEU C 114 5.42 27.28 1.92
CA LEU C 114 5.63 26.92 0.53
C LEU C 114 6.80 27.72 -0.06
N LYS C 115 6.93 28.99 0.33
CA LYS C 115 7.97 29.82 -0.27
C LYS C 115 9.35 29.24 -0.04
N TYR C 116 9.62 28.76 1.17
CA TYR C 116 10.93 28.21 1.51
C TYR C 116 11.01 26.70 1.34
N GLY C 117 9.87 26.02 1.21
CA GLY C 117 9.89 24.57 1.13
C GLY C 117 9.92 24.02 -0.28
N VAL C 118 9.26 24.68 -1.22
CA VAL C 118 9.04 24.07 -2.53
C VAL C 118 10.35 23.57 -3.13
N TYR C 119 11.39 24.41 -3.11
CA TYR C 119 12.61 24.02 -3.80
C TYR C 119 13.36 22.90 -3.07
N GLU C 120 13.27 22.86 -1.74
CA GLU C 120 13.84 21.72 -1.03
C GLU C 120 13.11 20.42 -1.41
N ALA C 121 11.78 20.47 -1.45
CA ALA C 121 11.02 19.29 -1.83
C ALA C 121 11.22 18.96 -3.30
N ILE C 122 11.30 19.98 -4.15
CA ILE C 122 11.56 19.75 -5.57
C ILE C 122 12.85 18.97 -5.75
N PHE C 123 13.93 19.45 -5.16
CA PHE C 123 15.22 18.79 -5.36
C PHE C 123 15.26 17.42 -4.69
N ALA C 124 14.47 17.21 -3.63
CA ALA C 124 14.37 15.87 -3.06
C ALA C 124 13.66 14.93 -4.04
N MET C 125 12.46 15.32 -4.47
CA MET C 125 11.68 14.48 -5.40
C MET C 125 12.40 14.31 -6.74
N LEU C 126 13.09 15.36 -7.19
CA LEU C 126 13.84 15.27 -8.45
C LEU C 126 14.77 14.04 -8.50
N SER C 127 15.30 13.63 -7.34
CA SER C 127 16.16 12.44 -7.30
C SER C 127 15.47 11.22 -7.89
N SER C 128 14.17 11.07 -7.62
CA SER C 128 13.41 9.95 -8.17
C SER C 128 13.63 9.78 -9.66
N VAL C 129 13.87 10.88 -10.37
CA VAL C 129 13.87 10.92 -11.82
C VAL C 129 15.27 10.90 -12.43
N MET C 130 16.31 10.85 -11.59
CA MET C 130 17.70 10.89 -12.04
C MET C 130 18.37 9.52 -11.84
N ASN C 131 19.37 9.26 -12.68
CA ASN C 131 20.40 8.26 -12.44
C ASN C 131 21.75 8.90 -12.78
N LYS C 132 22.83 8.15 -12.58
CA LYS C 132 24.14 8.76 -12.75
C LYS C 132 24.33 9.37 -14.14
N ASP C 133 23.52 8.98 -15.11
CA ASP C 133 23.73 9.36 -16.50
C ASP C 133 22.76 10.40 -17.02
N GLY C 134 21.67 10.68 -16.30
CA GLY C 134 20.72 11.63 -16.79
C GLY C 134 19.45 11.59 -15.96
N MET C 135 18.41 12.24 -16.50
CA MET C 135 17.16 12.39 -15.78
C MET C 135 16.01 12.36 -16.77
N LEU C 136 14.86 11.90 -16.31
CA LEU C 136 13.66 11.92 -17.12
C LEU C 136 13.13 13.35 -17.25
N VAL C 137 12.70 13.71 -18.45
CA VAL C 137 11.99 14.95 -18.70
C VAL C 137 10.66 14.61 -19.37
N ALA C 138 9.84 15.63 -19.56
CA ALA C 138 8.57 15.52 -20.28
C ALA C 138 7.77 14.31 -19.79
N TYR C 139 7.53 14.30 -18.48
CA TYR C 139 6.65 13.32 -17.85
C TYR C 139 7.09 11.89 -18.14
N GLY C 140 8.40 11.67 -18.26
CA GLY C 140 8.94 10.35 -18.45
C GLY C 140 9.22 9.95 -19.89
N ASN C 141 8.88 10.81 -20.85
CA ASN C 141 8.98 10.48 -22.26
C ASN C 141 10.33 10.84 -22.87
N GLY C 142 11.13 11.65 -22.18
CA GLY C 142 12.44 11.99 -22.67
C GLY C 142 13.49 11.79 -21.59
N PHE C 143 14.75 11.69 -22.03
CA PHE C 143 15.86 11.46 -21.12
C PHE C 143 17.01 12.37 -21.56
N ILE C 144 17.34 13.37 -20.74
CA ILE C 144 18.41 14.31 -21.06
C ILE C 144 19.65 13.91 -20.25
N THR C 145 20.77 13.71 -20.94
CA THR C 145 21.95 13.15 -20.30
C THR C 145 22.69 14.19 -19.47
N ARG C 146 23.38 13.69 -18.44
CA ARG C 146 24.14 14.55 -17.55
C ARG C 146 25.28 15.23 -18.28
N GLU C 147 26.05 14.45 -19.06
CA GLU C 147 27.15 15.04 -19.83
C GLU C 147 26.66 16.18 -20.71
N PHE C 148 25.54 15.99 -21.39
CA PHE C 148 25.01 17.07 -22.21
C PHE C 148 24.76 18.33 -21.39
N LEU C 149 24.14 18.19 -20.23
CA LEU C 149 23.91 19.34 -19.36
C LEU C 149 25.21 19.99 -18.93
N LYS C 150 26.24 19.19 -18.64
CA LYS C 150 27.53 19.77 -18.27
C LYS C 150 28.20 20.44 -19.46
N SER C 151 27.90 19.98 -20.68
CA SER C 151 28.51 20.55 -21.88
C SER C 151 28.03 21.96 -22.20
N LEU C 152 26.98 22.43 -21.53
CA LEU C 152 26.51 23.79 -21.77
C LEU C 152 27.57 24.80 -21.34
N ARG C 153 27.47 26.01 -21.89
CA ARG C 153 28.33 27.10 -21.46
C ARG C 153 27.92 27.61 -20.09
N LYS C 154 28.90 28.16 -19.36
CA LYS C 154 28.61 28.79 -18.09
C LYS C 154 27.61 29.93 -18.29
N PRO C 155 26.75 30.19 -17.29
CA PRO C 155 26.68 29.40 -16.06
C PRO C 155 25.66 28.25 -16.12
N PHE C 156 25.05 28.04 -17.29
CA PHE C 156 23.89 27.15 -17.34
C PHE C 156 24.26 25.72 -17.00
N CYS C 157 25.50 25.31 -17.28
CA CYS C 157 26.02 23.99 -16.93
C CYS C 157 26.22 23.80 -15.43
N ASP C 158 26.00 24.82 -14.61
CA ASP C 158 26.16 24.71 -13.17
C ASP C 158 24.83 24.54 -12.47
N ILE C 159 23.74 24.54 -13.21
CA ILE C 159 22.41 24.48 -12.61
C ILE C 159 22.12 23.10 -12.06
N MET C 160 22.34 22.07 -12.89
CA MET C 160 21.85 20.73 -12.62
C MET C 160 22.87 19.83 -11.94
N GLU C 161 24.16 19.96 -12.26
CA GLU C 161 25.13 18.98 -11.76
C GLU C 161 25.14 18.86 -10.24
N PRO C 162 25.04 19.94 -9.45
CA PRO C 162 24.94 19.74 -7.99
C PRO C 162 23.69 18.95 -7.59
N LYS C 163 22.58 19.07 -8.34
CA LYS C 163 21.40 18.27 -8.06
C LYS C 163 21.61 16.80 -8.43
N PHE C 164 22.35 16.52 -9.51
CA PHE C 164 22.78 15.16 -9.77
C PHE C 164 23.62 14.63 -8.62
N ASP C 165 24.49 15.47 -8.07
CA ASP C 165 25.33 15.05 -6.97
C ASP C 165 24.51 14.74 -5.73
N PHE C 166 23.63 15.65 -5.33
CA PHE C 166 22.71 15.33 -4.24
C PHE C 166 21.98 14.02 -4.52
N ALA C 167 21.42 13.88 -5.73
CA ALA C 167 20.54 12.75 -6.00
C ALA C 167 21.25 11.41 -5.92
N MET C 168 22.52 11.33 -6.31
CA MET C 168 23.19 10.04 -6.32
C MET C 168 23.31 9.48 -4.91
N LYS C 169 23.74 10.31 -3.97
CA LYS C 169 23.81 9.88 -2.58
C LYS C 169 22.42 9.68 -2.00
N PHE C 170 21.51 10.63 -2.27
CA PHE C 170 20.15 10.48 -1.77
C PHE C 170 19.52 9.17 -2.27
N ASN C 171 19.69 8.84 -3.55
CA ASN C 171 19.09 7.62 -4.08
C ASN C 171 19.74 6.36 -3.51
N ALA C 172 20.97 6.43 -3.00
CA ALA C 172 21.52 5.26 -2.34
C ALA C 172 20.76 4.89 -1.07
N LEU C 173 19.90 5.79 -0.57
CA LEU C 173 19.07 5.50 0.59
C LEU C 173 17.91 4.57 0.27
N GLU C 174 17.65 4.29 -1.01
CA GLU C 174 16.62 3.32 -1.39
C GLU C 174 15.25 3.68 -0.81
N LEU C 175 14.96 4.96 -0.69
CA LEU C 175 13.62 5.34 -0.27
C LEU C 175 12.60 4.93 -1.33
N ASP C 176 11.37 4.70 -0.90
CA ASP C 176 10.27 4.51 -1.82
C ASP C 176 9.30 5.68 -1.67
N ASP C 177 8.16 5.59 -2.36
CA ASP C 177 7.23 6.73 -2.38
C ASP C 177 6.58 6.96 -1.02
N SER C 178 6.35 5.89 -0.25
CA SER C 178 5.79 6.08 1.09
C SER C 178 6.74 6.89 1.99
N ASP C 179 8.05 6.60 1.93
CA ASP C 179 9.02 7.39 2.67
C ASP C 179 9.08 8.83 2.14
N ILE C 180 9.20 8.96 0.82
CA ILE C 180 9.40 10.27 0.22
C ILE C 180 8.24 11.20 0.55
N SER C 181 7.03 10.67 0.61
CA SER C 181 5.87 11.51 0.88
C SER C 181 5.95 12.12 2.27
N LEU C 182 6.29 11.31 3.28
CA LEU C 182 6.51 11.84 4.61
C LEU C 182 7.64 12.87 4.61
N PHE C 183 8.75 12.55 3.93
CA PHE C 183 9.90 13.46 3.86
C PHE C 183 9.49 14.82 3.33
N VAL C 184 8.82 14.83 2.18
CA VAL C 184 8.36 16.07 1.60
C VAL C 184 7.46 16.81 2.58
N ALA C 185 6.60 16.08 3.30
CA ALA C 185 5.73 16.72 4.26
C ALA C 185 6.53 17.36 5.39
N ALA C 186 7.55 16.65 5.89
CA ALA C 186 8.41 17.25 6.90
C ALA C 186 9.12 18.50 6.38
N ILE C 187 9.44 18.53 5.08
CA ILE C 187 10.19 19.65 4.54
C ILE C 187 9.33 20.90 4.50
N ILE C 188 8.05 20.76 4.17
CA ILE C 188 7.20 21.92 4.01
C ILE C 188 6.78 22.47 5.36
N CYS C 189 6.56 21.60 6.35
CA CYS C 189 6.10 22.02 7.67
C CYS C 189 7.30 22.23 8.60
N CYS C 190 8.11 23.23 8.25
CA CYS C 190 9.34 23.56 8.99
C CYS C 190 9.08 24.77 9.89
N GLY C 191 9.07 24.54 11.20
CA GLY C 191 8.97 25.67 12.11
C GLY C 191 10.14 26.63 12.06
N ASP C 192 11.07 26.42 11.12
CA ASP C 192 12.36 27.09 11.03
C ASP C 192 12.34 28.33 10.13
N ARG C 193 11.27 28.53 9.36
CA ARG C 193 11.34 29.52 8.30
C ARG C 193 11.24 30.94 8.87
N PRO C 194 11.97 31.89 8.28
CA PRO C 194 11.81 33.29 8.68
C PRO C 194 10.48 33.86 8.21
N GLY C 195 9.75 34.48 9.13
CA GLY C 195 8.47 35.09 8.83
C GLY C 195 7.25 34.35 9.35
N LEU C 196 7.44 33.31 10.16
CA LEU C 196 6.31 32.52 10.66
C LEU C 196 5.58 33.29 11.76
N LEU C 197 4.25 33.31 11.67
CA LEU C 197 3.42 34.00 12.66
C LEU C 197 3.12 33.09 13.84
N ASN C 198 2.31 32.06 13.61
CA ASN C 198 2.01 31.07 14.66
C ASN C 198 3.08 29.98 14.65
N VAL C 199 4.28 30.37 15.09
CA VAL C 199 5.41 29.46 15.11
C VAL C 199 5.10 28.21 15.92
N GLY C 200 4.65 28.40 17.16
CA GLY C 200 4.43 27.25 18.04
C GLY C 200 3.48 26.24 17.45
N HIS C 201 2.45 26.71 16.76
CA HIS C 201 1.49 25.79 16.13
C HIS C 201 2.17 24.92 15.08
N ILE C 202 3.09 25.50 14.30
CA ILE C 202 3.75 24.75 13.24
C ILE C 202 4.74 23.74 13.82
N GLU C 203 5.39 24.10 14.92
CA GLU C 203 6.29 23.16 15.58
C GLU C 203 5.54 21.91 16.02
N LYS C 204 4.34 22.08 16.57
CA LYS C 204 3.51 20.93 16.90
C LYS C 204 3.18 20.10 15.66
N MET C 205 3.07 20.77 14.51
CA MET C 205 2.67 20.08 13.29
C MET C 205 3.80 19.20 12.77
N GLN C 206 4.98 19.78 12.58
CA GLN C 206 6.14 19.00 12.17
C GLN C 206 6.49 17.94 13.21
N GLU C 207 6.28 18.26 14.49
CA GLU C 207 6.52 17.28 15.55
C GLU C 207 5.84 15.97 15.24
N GLY C 208 4.64 16.02 14.65
CA GLY C 208 3.91 14.82 14.33
C GLY C 208 4.38 14.13 13.07
N ILE C 209 4.60 14.88 12.00
CA ILE C 209 5.08 14.26 10.77
C ILE C 209 6.44 13.62 11.00
N VAL C 210 7.34 14.35 11.67
CA VAL C 210 8.66 13.82 11.99
C VAL C 210 8.54 12.51 12.74
N HIS C 211 7.67 12.49 13.76
CA HIS C 211 7.45 11.27 14.53
C HIS C 211 6.94 10.13 13.66
N VAL C 212 5.90 10.39 12.87
CA VAL C 212 5.39 9.39 11.93
C VAL C 212 6.50 8.95 10.97
N LEU C 213 7.28 9.90 10.48
CA LEU C 213 8.37 9.57 9.57
C LEU C 213 9.36 8.62 10.23
N ARG C 214 9.76 8.91 11.47
CA ARG C 214 10.67 8.02 12.16
C ARG C 214 10.09 6.62 12.27
N LEU C 215 8.85 6.52 12.76
CA LEU C 215 8.27 5.20 12.97
C LEU C 215 8.09 4.46 11.64
N HIS C 216 7.70 5.18 10.58
CA HIS C 216 7.60 4.56 9.27
C HIS C 216 8.94 4.01 8.82
N LEU C 217 9.99 4.84 8.84
CA LEU C 217 11.32 4.39 8.44
C LEU C 217 11.74 3.13 9.20
N GLN C 218 11.53 3.12 10.51
CA GLN C 218 11.93 1.95 11.30
C GLN C 218 11.17 0.71 10.85
N SER C 219 9.87 0.83 10.64
CA SER C 219 9.11 -0.30 10.12
C SER C 219 9.54 -0.65 8.70
N ASN C 220 9.61 0.34 7.81
CA ASN C 220 9.75 0.07 6.38
C ASN C 220 11.18 -0.26 5.99
N HIS C 221 12.17 0.20 6.76
CA HIS C 221 13.58 -0.07 6.47
C HIS C 221 14.30 -0.54 7.73
N PRO C 222 13.98 -1.76 8.20
CA PRO C 222 14.50 -2.19 9.52
C PRO C 222 16.02 -2.29 9.58
N ASP C 223 16.66 -2.76 8.52
CA ASP C 223 18.11 -2.96 8.57
C ASP C 223 18.89 -1.65 8.55
N ASP C 224 18.32 -0.56 8.03
CA ASP C 224 19.02 0.72 7.95
C ASP C 224 18.72 1.51 9.22
N ILE C 225 19.43 1.15 10.29
CA ILE C 225 19.08 1.58 11.64
C ILE C 225 19.02 3.11 11.72
N PHE C 226 20.01 3.77 11.15
CA PHE C 226 20.11 5.22 11.24
C PHE C 226 19.57 5.91 9.98
N LEU C 227 18.63 5.27 9.27
CA LEU C 227 18.01 5.93 8.13
C LEU C 227 17.43 7.27 8.51
N PHE C 228 16.72 7.32 9.64
CA PHE C 228 16.08 8.57 10.05
C PHE C 228 17.09 9.69 10.27
N PRO C 229 18.11 9.53 11.11
CA PRO C 229 19.11 10.61 11.21
C PRO C 229 19.80 10.92 9.89
N LYS C 230 19.98 9.93 9.02
CA LYS C 230 20.51 10.24 7.69
C LYS C 230 19.60 11.23 6.96
N LEU C 231 18.31 10.90 6.87
CA LEU C 231 17.36 11.80 6.22
C LEU C 231 17.39 13.18 6.87
N LEU C 232 17.35 13.23 8.20
CA LEU C 232 17.51 14.48 8.93
C LEU C 232 18.68 15.29 8.39
N GLN C 233 19.81 14.63 8.15
CA GLN C 233 20.94 15.33 7.57
C GLN C 233 20.64 15.77 6.14
N LYS C 234 19.96 14.93 5.37
CA LYS C 234 19.56 15.30 4.01
C LYS C 234 18.75 16.59 3.99
N MET C 235 17.92 16.83 5.01
CA MET C 235 17.15 18.08 5.05
C MET C 235 18.07 19.28 5.19
N ALA C 236 19.03 19.21 6.13
CA ALA C 236 20.03 20.26 6.21
C ALA C 236 20.75 20.40 4.87
N ASP C 237 21.03 19.27 4.21
CA ASP C 237 21.73 19.33 2.93
C ASP C 237 20.88 20.03 1.87
N LEU C 238 19.58 19.73 1.80
CA LEU C 238 18.70 20.43 0.87
C LEU C 238 18.75 21.94 1.08
N ARG C 239 18.58 22.38 2.32
CA ARG C 239 18.57 23.82 2.60
C ARG C 239 19.81 24.48 2.02
N GLN C 240 20.98 23.93 2.31
CA GLN C 240 22.21 24.43 1.71
C GLN C 240 22.13 24.37 0.19
N LEU C 241 21.64 23.25 -0.36
CA LEU C 241 21.59 23.11 -1.81
C LEU C 241 20.71 24.18 -2.45
N VAL C 242 19.55 24.46 -1.84
CA VAL C 242 18.66 25.47 -2.38
C VAL C 242 19.24 26.87 -2.21
N THR C 243 19.97 27.10 -1.10
CA THR C 243 20.63 28.39 -0.92
C THR C 243 21.59 28.69 -2.06
N GLU C 244 22.47 27.73 -2.37
CA GLU C 244 23.39 27.93 -3.48
C GLU C 244 22.64 28.00 -4.81
N HIS C 245 21.58 27.22 -4.98
CA HIS C 245 20.79 27.33 -6.19
C HIS C 245 20.21 28.74 -6.33
N ALA C 246 19.62 29.27 -5.26
CA ALA C 246 19.09 30.63 -5.30
C ALA C 246 20.17 31.63 -5.73
N GLN C 247 21.36 31.53 -5.14
CA GLN C 247 22.44 32.43 -5.51
C GLN C 247 22.75 32.33 -7.00
N LEU C 248 22.82 31.11 -7.53
CA LEU C 248 23.06 30.95 -8.97
C LEU C 248 21.95 31.59 -9.80
N VAL C 249 20.71 31.51 -9.32
CA VAL C 249 19.60 32.10 -10.07
C VAL C 249 19.74 33.62 -10.11
N GLN C 250 20.10 34.23 -8.98
CA GLN C 250 20.27 35.68 -8.95
C GLN C 250 21.33 36.13 -9.94
N ILE C 251 22.44 35.39 -10.02
CA ILE C 251 23.50 35.74 -10.96
C ILE C 251 23.00 35.64 -12.40
N ILE C 252 22.19 34.63 -12.71
CA ILE C 252 21.64 34.51 -14.05
C ILE C 252 20.66 35.66 -14.33
N LYS C 253 19.81 35.96 -13.35
CA LYS C 253 18.88 37.09 -13.48
C LYS C 253 19.61 38.37 -13.84
N LYS C 254 20.87 38.52 -13.41
CA LYS C 254 21.57 39.80 -13.53
C LYS C 254 22.54 39.86 -14.69
N THR C 255 22.95 38.73 -15.26
CA THR C 255 23.97 38.73 -16.30
C THR C 255 23.50 38.09 -17.61
N GLU C 256 22.19 37.83 -17.75
CA GLU C 256 21.68 37.09 -18.90
C GLU C 256 20.35 37.74 -19.33
N SER C 257 20.42 38.59 -20.35
CA SER C 257 19.25 39.37 -20.73
C SER C 257 18.06 38.50 -21.12
N ASP C 258 18.30 37.27 -21.58
CA ASP C 258 17.27 36.43 -22.15
C ASP C 258 16.73 35.37 -21.19
N ALA C 259 16.99 35.51 -19.89
CA ALA C 259 16.61 34.51 -18.90
C ALA C 259 15.52 35.00 -17.96
N ALA C 260 14.55 35.74 -18.49
CA ALA C 260 13.38 36.19 -17.74
C ALA C 260 12.85 35.07 -16.85
N LEU C 261 12.34 35.44 -15.67
CA LEU C 261 11.88 34.47 -14.68
C LEU C 261 10.36 34.53 -14.57
N HIS C 262 9.70 33.39 -14.79
CA HIS C 262 8.25 33.30 -14.67
C HIS C 262 7.79 33.98 -13.39
N PRO C 263 6.66 34.70 -13.42
CA PRO C 263 6.27 35.52 -12.27
C PRO C 263 6.18 34.73 -10.97
N LEU C 264 5.53 33.56 -10.98
CA LEU C 264 5.39 32.77 -9.76
C LEU C 264 6.76 32.42 -9.19
N LEU C 265 7.66 31.90 -10.04
CA LEU C 265 9.03 31.70 -9.62
C LEU C 265 9.63 32.99 -9.07
N GLN C 266 9.31 34.13 -9.71
CA GLN C 266 9.83 35.40 -9.27
C GLN C 266 9.46 35.68 -7.82
N GLU C 267 8.21 35.40 -7.43
CA GLU C 267 7.78 35.67 -6.07
C GLU C 267 8.57 34.86 -5.07
N ILE C 268 8.81 33.58 -5.37
CA ILE C 268 9.44 32.70 -4.39
C ILE C 268 10.85 33.17 -4.08
N TYR C 269 11.58 33.64 -5.10
CA TYR C 269 12.99 33.99 -4.90
C TYR C 269 13.15 35.38 -4.27
N ARG C 270 12.24 36.30 -4.57
CA ARG C 270 12.31 37.67 -4.04
C ARG C 270 11.41 37.74 -2.80
N ASP C 271 12.00 37.66 -1.63
CA ASP C 271 13.45 37.52 -1.47
C ASP C 271 13.76 36.49 -0.38
N MET C 272 14.32 35.35 -0.78
CA MET C 272 14.53 34.23 0.13
C MET C 272 15.64 34.50 1.16
N TYR C 273 16.89 34.33 0.75
CA TYR C 273 18.01 34.45 1.68
C TYR C 273 18.81 35.71 1.40
N LYS D 6 1.59 36.83 -4.43
CA LYS D 6 0.33 37.20 -5.09
C LYS D 6 -0.25 36.03 -5.89
N ILE D 7 0.50 35.51 -6.86
CA ILE D 7 0.07 34.31 -7.57
C ILE D 7 0.21 33.08 -6.69
N LEU D 8 1.18 33.09 -5.77
CA LEU D 8 1.21 32.07 -4.73
C LEU D 8 -0.02 32.18 -3.82
N HIS D 9 -0.49 33.41 -3.60
CA HIS D 9 -1.70 33.66 -2.81
C HIS D 9 -2.95 33.16 -3.51
N ARG D 10 -2.86 32.87 -4.82
CA ARG D 10 -4.01 32.53 -5.65
C ARG D 10 -4.24 31.01 -5.73
N LEU D 11 -3.17 30.23 -5.90
CA LEU D 11 -3.30 28.77 -5.81
C LEU D 11 -3.55 28.33 -4.37
N LEU D 12 -3.11 29.14 -3.39
CA LEU D 12 -3.36 28.84 -1.99
C LEU D 12 -4.80 29.13 -1.60
N GLN D 13 -5.43 30.09 -2.27
CA GLN D 13 -6.81 30.48 -1.95
C GLN D 13 -7.75 30.26 -3.13
#